data_8CDT
#
_entry.id   8CDT
#
_cell.length_a   99.968
_cell.length_b   99.968
_cell.length_c   30.707
_cell.angle_alpha   90.000
_cell.angle_beta   90.000
_cell.angle_gamma   120.000
#
_symmetry.space_group_name_H-M   'P 63'
#
loop_
_entity.id
_entity.type
_entity.pdbx_description
1 polymer '15-Nup93 tracking VHH antibody'
2 non-polymer GLYCEROL
3 water water
#
_entity_poly.entity_id   1
_entity_poly.type   'polypeptide(L)'
_entity_poly.pdbx_seq_one_letter_code
;GDVQLVESGGGLVQPGGSLRLSCVASGFTFSRVGMGWVRQAPGKGLEWVSDINASGGTGYADSVKGRFAISRDNAKNTLY
LQMNRLKPEDTAVYYCAKMMDTAMIEAGIIKPAGQGTQVTVSS
;
_entity_poly.pdbx_strand_id   A
#
loop_
_chem_comp.id
_chem_comp.type
_chem_comp.name
_chem_comp.formula
GOL non-polymer GLYCEROL 'C3 H8 O3'
#
# COMPACT_ATOMS: atom_id res chain seq x y z
N ASP A 2 19.52 7.61 -5.53
CA ASP A 2 18.12 8.03 -5.68
C ASP A 2 17.28 7.67 -4.43
N VAL A 3 16.33 8.53 -4.08
CA VAL A 3 15.48 8.37 -2.90
C VAL A 3 14.03 8.32 -3.39
N GLN A 4 13.44 7.11 -3.42
N GLN A 4 13.42 7.13 -3.34
CA GLN A 4 12.14 6.92 -4.06
CA GLN A 4 12.12 7.00 -3.97
C GLN A 4 11.37 5.81 -3.34
C GLN A 4 11.38 5.80 -3.41
N LEU A 5 10.05 5.87 -3.49
CA LEU A 5 9.14 4.72 -3.31
C LEU A 5 8.42 4.58 -4.64
N VAL A 6 8.46 3.37 -5.22
CA VAL A 6 7.92 3.18 -6.57
C VAL A 6 6.93 2.01 -6.57
N GLU A 7 5.64 2.32 -6.72
CA GLU A 7 4.57 1.29 -6.68
C GLU A 7 4.26 0.73 -8.08
N SER A 8 3.93 -0.55 -8.11
CA SER A 8 3.45 -1.14 -9.36
C SER A 8 2.50 -2.28 -9.01
N GLY A 9 1.81 -2.77 -10.04
CA GLY A 9 1.03 -3.98 -9.92
C GLY A 9 -0.48 -3.75 -9.96
N GLY A 10 -0.93 -2.49 -10.10
CA GLY A 10 -2.36 -2.26 -10.20
C GLY A 10 -2.96 -2.82 -11.49
N GLY A 11 -4.28 -2.75 -11.55
CA GLY A 11 -4.98 -3.31 -12.69
C GLY A 11 -6.47 -3.26 -12.46
N LEU A 12 -7.21 -3.84 -13.41
N LEU A 12 -7.19 -3.77 -13.48
CA LEU A 12 -8.67 -3.82 -13.40
CA LEU A 12 -8.64 -3.91 -13.50
C LEU A 12 -9.11 -5.28 -13.29
C LEU A 12 -8.95 -5.36 -13.18
N VAL A 13 -9.73 -5.63 -12.16
N VAL A 13 -9.90 -5.57 -12.28
CA VAL A 13 -10.22 -6.97 -11.88
CA VAL A 13 -10.23 -6.89 -11.82
C VAL A 13 -11.72 -6.96 -11.64
C VAL A 13 -11.72 -6.97 -11.49
N GLN A 14 -12.28 -8.15 -11.61
CA GLN A 14 -13.67 -8.34 -11.28
C GLN A 14 -13.82 -8.52 -9.78
N PRO A 15 -15.00 -8.27 -9.23
CA PRO A 15 -15.24 -8.59 -7.81
C PRO A 15 -14.96 -10.03 -7.46
N GLY A 16 -14.25 -10.22 -6.36
CA GLY A 16 -13.79 -11.53 -5.98
C GLY A 16 -12.37 -11.81 -6.43
N GLY A 17 -11.79 -10.95 -7.26
CA GLY A 17 -10.50 -11.21 -7.88
C GLY A 17 -9.31 -10.79 -7.03
N SER A 18 -8.16 -10.77 -7.69
CA SER A 18 -6.91 -10.79 -6.99
C SER A 18 -5.88 -9.94 -7.72
N LEU A 19 -5.03 -9.24 -6.94
CA LEU A 19 -3.89 -8.49 -7.49
C LEU A 19 -2.78 -8.53 -6.45
N ARG A 20 -1.54 -8.35 -6.89
CA ARG A 20 -0.44 -8.17 -5.92
C ARG A 20 0.25 -6.88 -6.26
N LEU A 21 0.24 -5.95 -5.30
CA LEU A 21 0.97 -4.70 -5.51
C LEU A 21 2.40 -4.83 -4.93
N SER A 22 3.32 -4.07 -5.51
CA SER A 22 4.69 -4.03 -5.00
C SER A 22 5.07 -2.58 -4.83
N CYS A 23 6.04 -2.35 -3.94
CA CYS A 23 6.69 -1.06 -3.84
C CYS A 23 8.19 -1.28 -3.63
N VAL A 24 8.99 -0.71 -4.50
CA VAL A 24 10.45 -0.79 -4.35
C VAL A 24 10.92 0.52 -3.74
N ALA A 25 11.65 0.38 -2.64
CA ALA A 25 12.21 1.51 -1.90
C ALA A 25 13.68 1.71 -2.23
N SER A 26 14.11 2.97 -2.31
CA SER A 26 15.53 3.25 -2.45
CA SER A 26 15.52 3.26 -2.46
C SER A 26 15.90 4.46 -1.60
N GLY A 27 17.16 4.49 -1.16
CA GLY A 27 17.75 5.66 -0.53
C GLY A 27 17.96 5.54 0.96
N PHE A 28 17.54 4.43 1.57
CA PHE A 28 17.67 4.25 3.00
C PHE A 28 17.76 2.75 3.26
N THR A 29 18.21 2.38 4.46
CA THR A 29 18.22 0.99 4.86
C THR A 29 16.80 0.53 5.14
N PHE A 30 16.29 -0.34 4.25
CA PHE A 30 14.87 -0.68 4.26
C PHE A 30 14.48 -1.58 5.43
N SER A 31 15.33 -2.54 5.81
CA SER A 31 14.95 -3.58 6.75
C SER A 31 14.56 -3.05 8.11
N ARG A 32 15.13 -1.91 8.53
CA ARG A 32 14.88 -1.39 9.86
C ARG A 32 13.71 -0.43 9.94
N VAL A 33 13.02 -0.20 8.82
CA VAL A 33 11.91 0.76 8.76
C VAL A 33 10.55 0.05 8.65
N GLY A 34 9.60 0.46 9.49
CA GLY A 34 8.21 0.00 9.34
C GLY A 34 7.57 0.64 8.13
N MET A 35 6.88 -0.19 7.32
CA MET A 35 6.36 0.28 6.01
C MET A 35 4.87 -0.04 5.93
N GLY A 36 4.17 0.63 5.03
CA GLY A 36 2.77 0.34 4.91
C GLY A 36 2.19 0.82 3.59
N TRP A 37 0.87 0.68 3.54
CA TRP A 37 0.07 1.10 2.36
C TRP A 37 -1.08 1.99 2.78
N VAL A 38 -1.36 2.97 1.92
CA VAL A 38 -2.55 3.81 2.05
C VAL A 38 -3.22 3.81 0.71
N ARG A 39 -4.43 4.33 0.64
CA ARG A 39 -5.14 4.37 -0.63
C ARG A 39 -6.05 5.58 -0.71
N GLN A 40 -6.38 5.98 -1.90
CA GLN A 40 -7.23 7.14 -2.14
C GLN A 40 -8.27 6.77 -3.18
N ALA A 41 -9.51 6.67 -2.73
CA ALA A 41 -10.66 6.35 -3.56
C ALA A 41 -11.17 7.64 -4.18
N PRO A 42 -11.92 7.57 -5.27
CA PRO A 42 -12.43 8.79 -5.92
C PRO A 42 -13.28 9.66 -5.02
N GLY A 43 -12.94 10.93 -4.98
CA GLY A 43 -13.61 11.90 -4.14
C GLY A 43 -13.31 11.81 -2.67
N LYS A 44 -12.39 10.94 -2.26
CA LYS A 44 -12.12 10.71 -0.86
C LYS A 44 -10.70 11.14 -0.50
N GLY A 45 -10.44 11.19 0.80
CA GLY A 45 -9.10 11.41 1.29
C GLY A 45 -8.27 10.14 1.26
N LEU A 46 -7.02 10.28 1.66
CA LEU A 46 -6.14 9.15 1.77
C LEU A 46 -6.45 8.40 3.05
N GLU A 47 -6.47 7.07 3.00
CA GLU A 47 -6.79 6.28 4.18
CA GLU A 47 -6.86 6.24 4.15
C GLU A 47 -5.89 5.08 4.31
N TRP A 48 -5.53 4.76 5.54
CA TRP A 48 -4.68 3.62 5.85
C TRP A 48 -5.27 2.32 5.35
N VAL A 49 -4.37 1.45 4.85
CA VAL A 49 -4.71 0.09 4.47
C VAL A 49 -4.04 -0.94 5.37
N SER A 50 -2.69 -0.88 5.46
CA SER A 50 -1.99 -1.94 6.19
C SER A 50 -0.60 -1.46 6.57
N ASP A 51 -0.06 -2.04 7.66
CA ASP A 51 1.29 -1.75 8.14
C ASP A 51 2.05 -3.04 8.32
N ILE A 52 3.39 -2.96 8.12
CA ILE A 52 4.29 -4.04 8.58
C ILE A 52 5.53 -3.42 9.25
N ASN A 53 5.68 -3.68 10.53
CA ASN A 53 6.82 -3.08 11.23
C ASN A 53 8.12 -3.79 10.86
N ALA A 54 9.24 -3.24 11.36
CA ALA A 54 10.53 -3.84 11.04
C ALA A 54 10.66 -5.27 11.57
N SER A 55 9.95 -5.61 12.63
CA SER A 55 9.95 -6.97 13.21
C SER A 55 8.99 -7.93 12.53
N GLY A 56 8.24 -7.46 11.54
CA GLY A 56 7.30 -8.30 10.84
C GLY A 56 5.90 -8.33 11.44
N GLY A 57 5.64 -7.57 12.49
CA GLY A 57 4.27 -7.48 12.99
C GLY A 57 3.41 -6.68 12.02
N THR A 58 2.14 -7.07 11.85
CA THR A 58 1.30 -6.45 10.83
C THR A 58 0.00 -5.91 11.42
N GLY A 59 -0.58 -4.98 10.68
CA GLY A 59 -1.87 -4.43 11.05
C GLY A 59 -2.65 -4.11 9.79
N TYR A 60 -3.98 -4.14 9.90
CA TYR A 60 -4.87 -3.97 8.76
C TYR A 60 -6.05 -3.08 9.13
N ALA A 61 -6.48 -2.25 8.17
CA ALA A 61 -7.75 -1.57 8.32
C ALA A 61 -8.87 -2.62 8.41
N ASP A 62 -9.89 -2.31 9.23
CA ASP A 62 -10.99 -3.27 9.45
C ASP A 62 -11.62 -3.75 8.13
N SER A 63 -11.74 -2.85 7.14
CA SER A 63 -12.45 -3.24 5.91
C SER A 63 -11.67 -4.21 5.03
N VAL A 64 -10.37 -4.42 5.26
CA VAL A 64 -9.57 -5.31 4.44
C VAL A 64 -9.10 -6.55 5.18
N LYS A 65 -9.35 -6.64 6.49
CA LYS A 65 -8.92 -7.79 7.27
C LYS A 65 -9.48 -9.08 6.71
N GLY A 66 -8.61 -10.08 6.61
CA GLY A 66 -8.96 -11.36 6.07
C GLY A 66 -8.93 -11.44 4.57
N ARG A 67 -8.76 -10.33 3.86
CA ARG A 67 -8.69 -10.33 2.41
C ARG A 67 -7.35 -9.89 1.88
N PHE A 68 -6.67 -8.97 2.54
CA PHE A 68 -5.38 -8.49 2.10
C PHE A 68 -4.27 -9.05 2.99
N ALA A 69 -3.05 -9.16 2.46
CA ALA A 69 -1.93 -9.63 3.25
C ALA A 69 -0.70 -8.84 2.83
N ILE A 70 -0.08 -8.17 3.81
CA ILE A 70 1.14 -7.40 3.59
C ILE A 70 2.36 -8.27 3.87
N SER A 71 3.42 -8.02 3.09
CA SER A 71 4.67 -8.74 3.35
C SER A 71 5.80 -7.89 2.83
N ARG A 72 7.04 -8.31 3.19
CA ARG A 72 8.18 -7.54 2.73
C ARG A 72 9.32 -8.49 2.41
N ASP A 73 10.14 -8.10 1.44
CA ASP A 73 11.37 -8.81 1.07
C ASP A 73 12.50 -7.80 1.26
N ASN A 74 13.17 -7.91 2.40
CA ASN A 74 14.19 -6.93 2.75
C ASN A 74 15.39 -6.99 1.82
N ALA A 75 15.74 -8.18 1.32
CA ALA A 75 16.86 -8.30 0.41
C ALA A 75 16.60 -7.59 -0.91
N LYS A 76 15.34 -7.39 -1.28
CA LYS A 76 15.01 -6.70 -2.51
C LYS A 76 14.47 -5.30 -2.26
N ASN A 77 14.51 -4.81 -1.02
CA ASN A 77 13.94 -3.49 -0.69
C ASN A 77 12.48 -3.36 -1.15
N THR A 78 11.69 -4.44 -1.08
CA THR A 78 10.36 -4.45 -1.68
C THR A 78 9.29 -4.74 -0.64
N LEU A 79 8.21 -3.96 -0.70
CA LEU A 79 6.98 -4.19 0.07
C LEU A 79 5.92 -4.75 -0.86
N TYR A 80 5.12 -5.68 -0.36
CA TYR A 80 4.04 -6.24 -1.18
C TYR A 80 2.71 -6.10 -0.48
N LEU A 81 1.65 -6.02 -1.28
CA LEU A 81 0.28 -6.14 -0.75
C LEU A 81 -0.48 -7.15 -1.63
N GLN A 82 -0.76 -8.32 -1.06
CA GLN A 82 -1.57 -9.32 -1.76
C GLN A 82 -3.02 -8.99 -1.50
N MET A 83 -3.74 -8.76 -2.57
N MET A 83 -3.78 -8.78 -2.55
CA MET A 83 -5.17 -8.41 -2.50
CA MET A 83 -5.19 -8.37 -2.38
C MET A 83 -5.95 -9.61 -3.00
C MET A 83 -6.14 -9.40 -2.98
N ASN A 84 -6.73 -10.24 -2.14
CA ASN A 84 -7.63 -11.31 -2.54
C ASN A 84 -9.06 -10.91 -2.25
N ARG A 85 -10.01 -11.60 -2.92
N ARG A 85 -10.04 -11.61 -2.89
CA ARG A 85 -11.46 -11.39 -2.76
CA ARG A 85 -11.47 -11.35 -2.63
C ARG A 85 -11.81 -9.91 -2.84
C ARG A 85 -11.79 -9.86 -2.80
N LEU A 86 -11.29 -9.25 -3.88
CA LEU A 86 -11.42 -7.80 -4.03
C LEU A 86 -12.88 -7.35 -4.14
N LYS A 87 -13.16 -6.13 -3.72
CA LYS A 87 -14.52 -5.62 -3.72
C LYS A 87 -14.54 -4.27 -4.43
N PRO A 88 -15.68 -3.86 -5.00
CA PRO A 88 -15.74 -2.53 -5.66
C PRO A 88 -15.25 -1.39 -4.76
N GLU A 89 -15.52 -1.47 -3.44
CA GLU A 89 -15.06 -0.44 -2.50
C GLU A 89 -13.54 -0.34 -2.37
N ASP A 90 -12.79 -1.33 -2.88
CA ASP A 90 -11.32 -1.27 -2.85
C ASP A 90 -10.75 -0.47 -4.00
N THR A 91 -11.58 0.01 -4.93
CA THR A 91 -11.10 0.80 -6.07
C THR A 91 -10.48 2.09 -5.56
N ALA A 92 -9.22 2.35 -5.93
CA ALA A 92 -8.45 3.48 -5.37
C ALA A 92 -7.09 3.48 -6.03
N VAL A 93 -6.38 4.59 -5.89
CA VAL A 93 -4.93 4.58 -6.10
C VAL A 93 -4.27 4.19 -4.79
N TYR A 94 -3.37 3.21 -4.86
CA TYR A 94 -2.66 2.73 -3.68
C TYR A 94 -1.25 3.26 -3.66
N TYR A 95 -0.78 3.69 -2.48
CA TYR A 95 0.54 4.28 -2.30
C TYR A 95 1.23 3.60 -1.14
N CYS A 96 2.54 3.51 -1.26
N CYS A 96 2.53 3.39 -1.27
CA CYS A 96 3.38 3.01 -0.19
CA CYS A 96 3.28 2.91 -0.10
C CYS A 96 3.87 4.15 0.70
C CYS A 96 3.84 4.09 0.69
N ALA A 97 4.09 3.85 1.96
CA ALA A 97 4.63 4.88 2.83
C ALA A 97 5.43 4.26 3.93
N LYS A 98 6.40 5.01 4.48
CA LYS A 98 6.89 4.66 5.81
CA LYS A 98 6.89 4.64 5.80
C LYS A 98 5.74 4.75 6.80
N MET A 99 5.68 3.78 7.73
CA MET A 99 4.64 3.81 8.79
C MET A 99 4.56 5.13 9.52
N MET A 100 5.72 5.76 9.75
CA MET A 100 5.71 7.03 10.49
C MET A 100 5.13 8.18 9.67
N ASP A 101 4.93 7.97 8.37
CA ASP A 101 4.38 9.01 7.51
C ASP A 101 2.87 8.86 7.29
N THR A 102 2.30 7.68 7.62
CA THR A 102 0.92 7.40 7.24
C THR A 102 -0.08 8.40 7.83
N ALA A 103 0.03 8.74 9.13
CA ALA A 103 -0.98 9.62 9.70
C ALA A 103 -0.89 11.02 9.08
N MET A 104 0.33 11.49 8.81
CA MET A 104 0.47 12.79 8.16
CA MET A 104 0.49 12.78 8.16
C MET A 104 -0.08 12.76 6.74
N ILE A 105 0.07 11.61 6.03
CA ILE A 105 -0.50 11.49 4.68
C ILE A 105 -2.04 11.51 4.76
N GLU A 106 -2.62 10.75 5.72
CA GLU A 106 -4.07 10.78 5.88
C GLU A 106 -4.59 12.18 6.16
N ALA A 107 -3.82 12.92 6.97
CA ALA A 107 -4.22 14.26 7.35
C ALA A 107 -3.95 15.30 6.27
N GLY A 108 -3.25 14.97 5.19
CA GLY A 108 -2.94 15.96 4.16
C GLY A 108 -1.78 16.87 4.47
N ILE A 109 -1.05 16.57 5.54
CA ILE A 109 0.09 17.38 5.94
C ILE A 109 1.25 17.19 4.99
N ILE A 110 1.51 15.94 4.57
CA ILE A 110 2.44 15.64 3.48
C ILE A 110 1.71 14.75 2.49
N LYS A 111 2.29 14.60 1.32
CA LYS A 111 1.75 13.74 0.28
C LYS A 111 2.54 12.45 0.24
N PRO A 112 1.97 11.38 -0.35
CA PRO A 112 2.80 10.19 -0.60
C PRO A 112 4.02 10.51 -1.43
N ALA A 113 5.11 9.77 -1.14
CA ALA A 113 6.34 10.02 -1.90
C ALA A 113 6.26 9.54 -3.34
N GLY A 114 5.50 8.47 -3.60
CA GLY A 114 5.45 7.83 -4.90
C GLY A 114 4.23 8.26 -5.70
N GLN A 115 4.20 7.78 -6.95
CA GLN A 115 3.07 8.07 -7.83
C GLN A 115 1.92 7.10 -7.65
N GLY A 116 2.11 5.99 -6.90
CA GLY A 116 1.03 5.04 -6.66
C GLY A 116 0.74 4.13 -7.86
N THR A 117 -0.26 3.28 -7.62
CA THR A 117 -0.71 2.38 -8.67
C THR A 117 -2.22 2.21 -8.53
N GLN A 118 -2.93 2.18 -9.69
CA GLN A 118 -4.40 2.26 -9.69
C GLN A 118 -4.97 0.85 -9.62
N VAL A 119 -5.93 0.65 -8.75
CA VAL A 119 -6.69 -0.60 -8.63
C VAL A 119 -8.16 -0.30 -8.92
N THR A 120 -8.74 -1.01 -9.90
CA THR A 120 -10.16 -0.85 -10.20
C THR A 120 -10.81 -2.20 -10.07
N VAL A 121 -11.90 -2.26 -9.32
CA VAL A 121 -12.65 -3.50 -9.12
C VAL A 121 -14.05 -3.23 -9.64
N SER A 122 -14.40 -3.88 -10.75
CA SER A 122 -15.69 -3.65 -11.39
C SER A 122 -16.08 -4.91 -12.13
C1 GOL B . 10.48 -9.12 8.74
O1 GOL B . 11.52 -9.67 9.51
C2 GOL B . 9.59 -10.30 8.26
O2 GOL B . 8.40 -9.88 7.69
C3 GOL B . 10.47 -11.11 7.29
O3 GOL B . 10.28 -10.58 6.02
C1 GOL C . 2.53 -9.80 15.43
O1 GOL C . 2.33 -10.92 14.73
C2 GOL C . 1.33 -9.06 14.98
O2 GOL C . 1.27 -9.05 13.62
C3 GOL C . 1.49 -7.65 15.62
O3 GOL C . 0.20 -7.14 15.73
#